data_6NSS
#
_entry.id   6NSS
#
_cell.length_a   52.075
_cell.length_b   52.075
_cell.length_c   227.072
_cell.angle_alpha   90.00
_cell.angle_beta   90.00
_cell.angle_gamma   120.00
#
_symmetry.space_group_name_H-M   'P 31 1 2'
#
loop_
_entity.id
_entity.type
_entity.pdbx_description
1 polymer 'High affinity nerve growth factor receptor'
2 non-polymer N-(8-methyl-2-phenylimidazo[1,2-a]pyrazin-3-yl)-2-(10H-phenoxazin-10-yl)acetamide
3 water water
#
_entity_poly.entity_id   1
_entity_poly.type   'polypeptide(L)'
_entity_poly.pdbx_seq_one_letter_code
;GLQGHIIENPQYFSDACVHHIKRRDIVLKWELGEGAFGKVFLAECHNLLPEQDKMLVAVKALKEASESARQDFQREAELL
TMLQHQHIVRFFGVCTEGRPLLMVFEYMRHGDLNRFLRSHGPDAKLLAGGEDVAPGPLGLGQLLAVASQVAAGMVYLAGL
HFVHRDLATRNCLVGQGLVVKIGDFGMSRDIYSTDYYRVGGRTMLPIRWMPPESILYRKFTTESDVWSFGVVLWEIFTYG
KQPWYQLSNTEAIDCITQGRELERPRACPPEVYAIMRGCWQREPQQRHSIKDVHARLQALAQAPPVYLDVL
;
_entity_poly.pdbx_strand_id   A
#
# COMPACT_ATOMS: atom_id res chain seq x y z
N GLY A 1 11.61 -11.69 8.77
CA GLY A 1 11.98 -12.11 7.39
C GLY A 1 11.98 -10.91 6.46
N LEU A 2 11.31 -11.02 5.30
CA LEU A 2 11.19 -9.94 4.28
C LEU A 2 10.26 -8.85 4.81
N GLN A 3 10.73 -7.61 4.78
CA GLN A 3 9.91 -6.45 5.16
C GLN A 3 8.69 -6.41 4.21
N GLY A 4 7.50 -6.35 4.78
CA GLY A 4 6.23 -6.22 4.05
C GLY A 4 5.58 -7.55 3.77
N HIS A 5 6.20 -8.65 4.21
CA HIS A 5 5.66 -10.04 4.03
C HIS A 5 4.81 -10.31 5.25
N ILE A 6 3.52 -10.57 5.03
CA ILE A 6 2.50 -10.68 6.12
C ILE A 6 2.94 -11.72 7.16
N ILE A 7 3.70 -12.75 6.77
CA ILE A 7 4.03 -13.84 7.76
C ILE A 7 5.10 -13.34 8.74
N GLU A 8 5.67 -12.14 8.55
CA GLU A 8 6.57 -11.51 9.55
C GLU A 8 5.77 -11.28 10.85
N ASN A 9 4.42 -11.40 10.86
CA ASN A 9 3.49 -11.22 12.00
C ASN A 9 3.13 -12.59 12.60
N PRO A 10 3.34 -12.81 13.91
CA PRO A 10 3.14 -14.15 14.49
C PRO A 10 1.72 -14.53 14.99
N GLN A 11 0.67 -13.81 14.60
CA GLN A 11 -0.72 -14.12 15.05
C GLN A 11 -1.21 -15.37 14.31
N CYS A 17 -10.09 -22.29 8.75
CA CYS A 17 -10.70 -20.92 8.63
C CYS A 17 -10.52 -20.38 7.20
N VAL A 18 -9.47 -20.85 6.53
CA VAL A 18 -9.12 -20.45 5.15
C VAL A 18 -10.20 -20.96 4.19
N HIS A 19 -10.80 -20.12 3.35
CA HIS A 19 -11.84 -20.52 2.37
C HIS A 19 -11.16 -21.18 1.19
N HIS A 20 -11.77 -22.22 0.65
CA HIS A 20 -11.25 -22.95 -0.54
C HIS A 20 -12.17 -22.64 -1.70
N ILE A 21 -11.60 -22.58 -2.91
CA ILE A 21 -12.37 -22.34 -4.15
C ILE A 21 -12.01 -23.47 -5.10
N LYS A 22 -12.99 -24.04 -5.78
CA LYS A 22 -12.68 -25.16 -6.71
C LYS A 22 -11.94 -24.58 -7.92
N ARG A 23 -10.94 -25.33 -8.43
CA ARG A 23 -10.21 -24.91 -9.66
C ARG A 23 -11.17 -24.67 -10.84
N ARG A 24 -12.17 -25.52 -11.03
CA ARG A 24 -13.14 -25.31 -12.14
C ARG A 24 -13.81 -23.95 -12.01
N ASP A 25 -13.98 -23.37 -10.83
CA ASP A 25 -14.68 -22.07 -10.70
C ASP A 25 -13.80 -20.87 -11.11
N ILE A 26 -12.52 -21.07 -11.40
CA ILE A 26 -11.54 -19.99 -11.71
C ILE A 26 -11.20 -20.15 -13.18
N VAL A 27 -11.40 -19.10 -13.99
CA VAL A 27 -11.01 -19.13 -15.41
C VAL A 27 -10.04 -17.96 -15.61
N LEU A 28 -8.78 -18.27 -15.89
CA LEU A 28 -7.75 -17.23 -16.07
C LEU A 28 -8.08 -16.54 -17.38
N LYS A 29 -7.91 -15.23 -17.40
CA LYS A 29 -8.11 -14.45 -18.64
C LYS A 29 -6.74 -14.06 -19.18
N TRP A 30 -5.91 -13.42 -18.37
CA TRP A 30 -4.58 -12.96 -18.84
C TRP A 30 -3.77 -12.55 -17.64
N GLU A 31 -2.49 -12.41 -17.86
CA GLU A 31 -1.54 -11.99 -16.83
C GLU A 31 -1.73 -10.49 -16.56
N LEU A 32 -1.63 -10.12 -15.30
CA LEU A 32 -1.50 -8.70 -14.87
C LEU A 32 -0.08 -8.36 -14.43
N GLY A 33 0.63 -9.23 -13.69
CA GLY A 33 2.01 -8.95 -13.32
C GLY A 33 2.75 -10.21 -12.92
N GLU A 34 4.03 -10.07 -12.55
CA GLU A 34 5.01 -11.17 -12.51
C GLU A 34 6.13 -10.75 -11.56
N GLY A 35 6.59 -11.67 -10.69
CA GLY A 35 7.79 -11.50 -9.87
C GLY A 35 8.52 -12.82 -9.63
N ALA A 36 9.55 -12.82 -8.81
CA ALA A 36 10.34 -14.02 -8.42
C ALA A 36 9.45 -15.10 -7.78
N PHE A 37 8.39 -14.78 -7.01
CA PHE A 37 7.58 -15.81 -6.30
C PHE A 37 6.30 -16.23 -7.07
N GLY A 38 6.02 -15.60 -8.21
CA GLY A 38 4.97 -16.08 -9.12
C GLY A 38 4.32 -14.97 -9.91
N LYS A 39 3.06 -15.21 -10.31
CA LYS A 39 2.36 -14.34 -11.26
C LYS A 39 0.99 -14.01 -10.72
N VAL A 40 0.41 -12.97 -11.31
CA VAL A 40 -0.97 -12.52 -10.99
C VAL A 40 -1.70 -12.45 -12.31
N PHE A 41 -2.89 -13.06 -12.31
CA PHE A 41 -3.78 -13.11 -13.47
C PHE A 41 -5.07 -12.40 -13.13
N LEU A 42 -5.64 -11.80 -14.16
CA LEU A 42 -7.06 -11.51 -14.15
C LEU A 42 -7.80 -12.83 -14.47
N ALA A 43 -8.84 -13.11 -13.70
CA ALA A 43 -9.67 -14.30 -13.83
C ALA A 43 -11.14 -13.93 -13.52
N GLU A 44 -12.01 -14.74 -14.07
CA GLU A 44 -13.44 -14.81 -13.77
C GLU A 44 -13.54 -15.88 -12.69
N CYS A 45 -14.21 -15.56 -11.61
CA CYS A 45 -14.50 -16.54 -10.55
C CYS A 45 -16.02 -16.72 -10.46
N HIS A 46 -16.49 -17.95 -10.66
CA HIS A 46 -17.91 -18.36 -10.61
C HIS A 46 -18.30 -18.77 -9.19
N ASN A 47 -19.49 -18.43 -8.76
CA ASN A 47 -20.14 -19.04 -7.57
C ASN A 47 -19.40 -18.51 -6.34
N LEU A 48 -18.87 -17.30 -6.40
CA LEU A 48 -18.05 -16.80 -5.28
C LEU A 48 -18.95 -15.93 -4.41
N LEU A 49 -19.61 -14.95 -5.00
CA LEU A 49 -20.51 -14.03 -4.24
C LEU A 49 -21.93 -14.23 -4.75
N PRO A 50 -22.93 -14.20 -3.83
CA PRO A 50 -24.34 -14.37 -4.18
C PRO A 50 -24.80 -13.42 -5.30
N GLU A 51 -24.51 -12.13 -5.19
CA GLU A 51 -24.99 -11.10 -6.15
C GLU A 51 -24.45 -11.42 -7.55
N GLN A 52 -23.30 -12.08 -7.64
CA GLN A 52 -22.55 -12.25 -8.91
C GLN A 52 -22.26 -13.73 -9.14
N ASP A 53 -22.86 -14.27 -10.20
CA ASP A 53 -22.68 -15.66 -10.73
C ASP A 53 -21.29 -15.76 -11.35
N LYS A 54 -20.77 -14.62 -11.82
CA LYS A 54 -19.43 -14.48 -12.47
C LYS A 54 -18.90 -13.07 -12.21
N MET A 55 -17.76 -12.98 -11.54
CA MET A 55 -17.06 -11.74 -11.16
C MET A 55 -15.57 -11.81 -11.50
N LEU A 56 -14.94 -10.66 -11.68
CA LEU A 56 -13.50 -10.57 -11.94
C LEU A 56 -12.76 -10.61 -10.61
N VAL A 57 -11.64 -11.33 -10.61
CA VAL A 57 -10.72 -11.39 -9.44
C VAL A 57 -9.28 -11.30 -9.93
N ALA A 58 -8.35 -11.02 -9.03
CA ALA A 58 -6.92 -11.17 -9.25
C ALA A 58 -6.51 -12.49 -8.61
N VAL A 59 -5.83 -13.34 -9.36
CA VAL A 59 -5.39 -14.69 -8.95
C VAL A 59 -3.87 -14.65 -8.88
N LYS A 60 -3.30 -14.95 -7.73
CA LYS A 60 -1.83 -15.02 -7.50
C LYS A 60 -1.46 -16.51 -7.52
N ALA A 61 -0.68 -16.93 -8.49
CA ALA A 61 -0.22 -18.32 -8.66
C ALA A 61 1.18 -18.41 -8.07
N LEU A 62 1.37 -19.35 -7.15
CA LEU A 62 2.67 -19.61 -6.50
C LEU A 62 3.63 -20.20 -7.52
N LYS A 63 4.89 -19.76 -7.49
CA LYS A 63 5.98 -20.34 -8.34
C LYS A 63 6.73 -21.35 -7.46
N GLU A 64 6.55 -22.66 -7.72
CA GLU A 64 7.16 -23.72 -6.86
C GLU A 64 7.50 -24.93 -7.73
N SER A 68 7.85 -25.78 2.35
CA SER A 68 8.58 -24.49 2.48
C SER A 68 7.72 -23.35 1.89
N ALA A 69 7.67 -23.26 0.56
CA ALA A 69 6.67 -22.48 -0.19
C ALA A 69 5.25 -22.87 0.31
N ARG A 70 4.88 -24.17 0.32
CA ARG A 70 3.50 -24.60 0.66
C ARG A 70 3.23 -24.23 2.11
N GLN A 71 4.23 -24.33 2.99
CA GLN A 71 4.05 -23.94 4.42
C GLN A 71 4.01 -22.39 4.53
N ASP A 72 4.72 -21.63 3.70
CA ASP A 72 4.62 -20.13 3.73
C ASP A 72 3.22 -19.73 3.20
N PHE A 73 2.78 -20.43 2.16
CA PHE A 73 1.49 -20.21 1.48
C PHE A 73 0.40 -20.43 2.50
N GLN A 74 0.54 -21.51 3.31
CA GLN A 74 -0.50 -21.87 4.32
C GLN A 74 -0.56 -20.76 5.37
N ARG A 75 0.58 -20.27 5.88
CA ARG A 75 0.53 -19.21 6.94
C ARG A 75 0.08 -17.88 6.29
N GLU A 76 0.46 -17.59 5.04
CA GLU A 76 -0.06 -16.37 4.38
C GLU A 76 -1.59 -16.42 4.32
N ALA A 77 -2.15 -17.54 3.88
CA ALA A 77 -3.60 -17.72 3.72
C ALA A 77 -4.30 -17.52 5.05
N GLU A 78 -3.72 -18.02 6.14
CA GLU A 78 -4.25 -17.87 7.51
C GLU A 78 -4.36 -16.39 7.87
N LEU A 79 -3.26 -15.65 7.67
CA LEU A 79 -3.19 -14.23 8.05
C LEU A 79 -4.07 -13.36 7.16
N LEU A 80 -4.12 -13.63 5.85
CA LEU A 80 -5.03 -12.87 4.93
C LEU A 80 -6.48 -13.11 5.31
N THR A 81 -6.83 -14.31 5.70
CA THR A 81 -8.22 -14.64 6.06
C THR A 81 -8.62 -13.83 7.31
N MET A 82 -7.70 -13.67 8.24
CA MET A 82 -7.91 -12.94 9.51
C MET A 82 -8.10 -11.44 9.20
N LEU A 83 -7.55 -10.89 8.12
CA LEU A 83 -7.71 -9.45 7.80
C LEU A 83 -9.04 -9.22 7.10
N GLN A 84 -9.93 -8.45 7.71
CA GLN A 84 -11.28 -8.18 7.15
C GLN A 84 -11.56 -6.73 7.40
N HIS A 85 -11.38 -5.88 6.39
CA HIS A 85 -11.56 -4.43 6.57
C HIS A 85 -11.76 -3.75 5.23
N GLN A 86 -12.48 -2.63 5.24
CA GLN A 86 -12.87 -1.83 4.07
C GLN A 86 -11.59 -1.33 3.34
N HIS A 87 -10.44 -1.15 4.02
CA HIS A 87 -9.23 -0.54 3.39
C HIS A 87 -8.05 -1.52 3.45
N ILE A 88 -8.33 -2.82 3.56
CA ILE A 88 -7.38 -3.93 3.28
C ILE A 88 -7.94 -4.67 2.06
N VAL A 89 -7.09 -4.90 1.05
CA VAL A 89 -7.52 -5.66 -0.15
C VAL A 89 -8.14 -7.02 0.24
N ARG A 90 -9.31 -7.25 -0.32
CA ARG A 90 -10.16 -8.38 0.09
C ARG A 90 -9.54 -9.69 -0.46
N PHE A 91 -9.33 -10.63 0.45
CA PHE A 91 -8.88 -12.02 0.20
C PHE A 91 -10.08 -12.95 0.26
N PHE A 92 -10.34 -13.68 -0.84
CA PHE A 92 -11.51 -14.57 -1.00
C PHE A 92 -11.12 -15.99 -0.60
N GLY A 93 -9.86 -16.39 -0.83
CA GLY A 93 -9.32 -17.71 -0.42
C GLY A 93 -8.46 -18.41 -1.45
N VAL A 94 -8.23 -19.70 -1.22
CA VAL A 94 -7.18 -20.50 -1.91
C VAL A 94 -7.79 -21.57 -2.80
N CYS A 95 -7.06 -21.96 -3.81
CA CYS A 95 -7.28 -23.17 -4.63
C CYS A 95 -6.08 -24.08 -4.45
N THR A 96 -6.24 -25.11 -3.64
CA THR A 96 -5.16 -26.07 -3.35
C THR A 96 -5.50 -27.39 -4.04
N GLU A 97 -6.29 -27.40 -5.11
CA GLU A 97 -6.60 -28.68 -5.77
C GLU A 97 -5.63 -28.80 -6.97
N GLY A 98 -4.54 -29.54 -6.79
CA GLY A 98 -3.41 -29.62 -7.74
C GLY A 98 -2.53 -28.37 -7.77
N ARG A 99 -1.95 -28.06 -8.92
CA ARG A 99 -0.90 -27.04 -9.02
C ARG A 99 -1.06 -26.25 -10.30
N PRO A 100 -0.69 -24.96 -10.29
CA PRO A 100 -0.12 -24.30 -9.11
C PRO A 100 -1.16 -23.97 -8.02
N LEU A 101 -0.70 -23.78 -6.79
CA LEU A 101 -1.48 -23.22 -5.67
C LEU A 101 -1.91 -21.78 -6.07
N LEU A 102 -3.19 -21.45 -5.90
CA LEU A 102 -3.75 -20.13 -6.26
C LEU A 102 -4.25 -19.45 -5.00
N MET A 103 -4.07 -18.12 -4.93
CA MET A 103 -4.81 -17.28 -3.96
C MET A 103 -5.69 -16.29 -4.73
N VAL A 104 -6.90 -16.05 -4.26
CA VAL A 104 -7.91 -15.30 -5.02
C VAL A 104 -8.19 -14.03 -4.27
N PHE A 105 -8.04 -12.89 -4.94
CA PHE A 105 -8.21 -11.56 -4.33
C PHE A 105 -9.22 -10.78 -5.17
N GLU A 106 -9.84 -9.75 -4.60
CA GLU A 106 -10.67 -8.82 -5.41
C GLU A 106 -9.75 -8.13 -6.42
N TYR A 107 -10.30 -7.76 -7.57
CA TYR A 107 -9.58 -7.02 -8.63
C TYR A 107 -9.75 -5.52 -8.39
N MET A 108 -8.65 -4.79 -8.38
CA MET A 108 -8.60 -3.36 -8.11
C MET A 108 -8.19 -2.72 -9.43
N ARG A 109 -9.17 -2.14 -10.11
CA ARG A 109 -9.14 -1.75 -11.54
C ARG A 109 -8.01 -0.77 -11.79
N HIS A 110 -7.66 0.15 -10.89
CA HIS A 110 -6.66 1.19 -11.19
C HIS A 110 -5.22 0.73 -10.83
N GLY A 111 -5.02 -0.48 -10.36
CA GLY A 111 -3.69 -0.96 -9.95
C GLY A 111 -3.12 -0.23 -8.74
N ASP A 112 -1.81 -0.11 -8.65
CA ASP A 112 -1.22 0.29 -7.37
C ASP A 112 -1.34 1.81 -7.27
N LEU A 113 -1.35 2.33 -6.05
CA LEU A 113 -1.60 3.77 -5.82
C LEU A 113 -0.44 4.63 -6.35
N ASN A 114 0.80 4.12 -6.39
CA ASN A 114 1.90 4.92 -6.98
C ASN A 114 1.63 5.21 -8.48
N ARG A 115 1.20 4.20 -9.21
CA ARG A 115 0.87 4.27 -10.66
C ARG A 115 -0.31 5.24 -10.84
N PHE A 116 -1.28 5.15 -9.96
CA PHE A 116 -2.50 5.98 -10.02
C PHE A 116 -2.18 7.43 -9.73
N LEU A 117 -1.36 7.67 -8.72
CA LEU A 117 -0.92 9.05 -8.41
C LEU A 117 -0.17 9.65 -9.61
N ARG A 118 0.72 8.91 -10.23
CA ARG A 118 1.61 9.50 -11.25
C ARG A 118 0.76 9.82 -12.50
N SER A 119 -0.33 9.09 -12.73
N SER A 119 -0.36 9.11 -12.69
CA SER A 119 -1.19 9.30 -13.93
CA SER A 119 -1.26 9.27 -13.85
C SER A 119 -2.32 10.30 -13.62
C SER A 119 -2.22 10.44 -13.65
N HIS A 120 -2.35 10.93 -12.42
CA HIS A 120 -3.26 12.05 -12.10
C HIS A 120 -2.52 13.20 -11.44
N GLY A 121 -1.29 13.44 -11.92
CA GLY A 121 -0.34 14.43 -11.39
C GLY A 121 -0.47 15.86 -11.93
N PRO A 122 0.52 16.72 -11.65
CA PRO A 122 0.42 18.15 -11.97
C PRO A 122 0.30 18.39 -13.50
N ASP A 123 0.74 17.42 -14.31
CA ASP A 123 0.75 17.51 -15.81
C ASP A 123 -0.57 16.99 -16.47
N ALA A 124 -1.54 16.48 -15.70
CA ALA A 124 -2.72 15.74 -16.20
C ALA A 124 -3.73 16.76 -16.76
N LYS A 125 -4.43 16.44 -17.86
CA LYS A 125 -5.40 17.36 -18.51
C LYS A 125 -6.78 16.71 -18.64
N LEU A 126 -7.54 17.01 -19.70
CA LEU A 126 -8.90 16.42 -19.86
C LEU A 126 -8.85 14.90 -20.03
N LEU A 127 -7.91 14.41 -20.85
CA LEU A 127 -7.75 12.97 -21.20
C LEU A 127 -7.52 12.11 -19.93
N ALA A 128 -6.97 12.66 -18.83
CA ALA A 128 -6.66 11.84 -17.64
C ALA A 128 -7.97 11.49 -16.93
N GLY A 129 -9.03 12.29 -17.20
CA GLY A 129 -10.39 12.17 -16.65
C GLY A 129 -11.11 10.92 -17.15
N GLY A 130 -12.07 10.43 -16.37
CA GLY A 130 -12.62 9.09 -16.59
C GLY A 130 -13.82 8.89 -15.75
N GLU A 131 -14.17 7.63 -15.58
CA GLU A 131 -15.34 7.14 -14.84
C GLU A 131 -15.27 7.65 -13.39
N ASP A 132 -14.09 7.56 -12.78
CA ASP A 132 -13.86 7.57 -11.29
C ASP A 132 -13.24 8.86 -10.85
N VAL A 133 -12.63 9.60 -11.78
CA VAL A 133 -11.75 10.72 -11.40
C VAL A 133 -11.87 11.83 -12.45
N ALA A 134 -11.88 13.06 -11.99
CA ALA A 134 -11.94 14.24 -12.87
C ALA A 134 -10.65 14.32 -13.69
N PRO A 135 -10.73 15.09 -14.78
CA PRO A 135 -9.56 15.46 -15.57
C PRO A 135 -8.59 16.25 -14.70
N GLY A 136 -7.33 16.33 -15.10
CA GLY A 136 -6.42 17.28 -14.41
C GLY A 136 -5.86 16.65 -13.13
N PRO A 137 -4.95 17.36 -12.44
CA PRO A 137 -4.34 16.84 -11.24
C PRO A 137 -5.42 16.50 -10.22
N LEU A 138 -5.17 15.52 -9.34
CA LEU A 138 -6.13 15.24 -8.24
C LEU A 138 -6.22 16.49 -7.37
N GLY A 139 -7.41 16.80 -6.85
CA GLY A 139 -7.55 18.03 -6.06
C GLY A 139 -7.24 17.75 -4.61
N LEU A 140 -7.15 18.79 -3.80
CA LEU A 140 -6.88 18.67 -2.37
C LEU A 140 -7.82 17.62 -1.79
N GLY A 141 -9.12 17.72 -2.03
CA GLY A 141 -10.09 16.85 -1.36
C GLY A 141 -9.86 15.40 -1.75
N GLN A 142 -9.45 15.15 -2.99
CA GLN A 142 -9.22 13.75 -3.48
C GLN A 142 -7.92 13.21 -2.80
N LEU A 143 -6.87 14.00 -2.77
CA LEU A 143 -5.58 13.64 -2.11
C LEU A 143 -5.87 13.31 -0.66
N LEU A 144 -6.74 14.05 0.01
CA LEU A 144 -7.01 13.82 1.45
C LEU A 144 -7.81 12.53 1.62
N ALA A 145 -8.70 12.22 0.67
CA ALA A 145 -9.56 11.03 0.71
C ALA A 145 -8.67 9.77 0.54
N VAL A 146 -7.70 9.85 -0.37
CA VAL A 146 -6.69 8.76 -0.55
C VAL A 146 -5.94 8.54 0.77
N ALA A 147 -5.38 9.58 1.37
CA ALA A 147 -4.56 9.45 2.58
C ALA A 147 -5.42 8.91 3.73
N SER A 148 -6.63 9.44 3.88
CA SER A 148 -7.54 8.99 4.94
C SER A 148 -7.71 7.48 4.87
N GLN A 149 -7.97 6.96 3.67
CA GLN A 149 -8.29 5.54 3.43
C GLN A 149 -7.07 4.73 3.81
N VAL A 150 -5.87 5.13 3.42
CA VAL A 150 -4.65 4.31 3.74
C VAL A 150 -4.52 4.34 5.25
N ALA A 151 -4.74 5.52 5.88
CA ALA A 151 -4.61 5.65 7.36
C ALA A 151 -5.60 4.70 8.04
N ALA A 152 -6.82 4.57 7.51
CA ALA A 152 -7.86 3.70 8.11
C ALA A 152 -7.40 2.24 8.03
N GLY A 153 -6.86 1.80 6.89
CA GLY A 153 -6.23 0.47 6.90
C GLY A 153 -5.15 0.32 7.96
N MET A 154 -4.31 1.32 8.12
CA MET A 154 -3.19 1.26 9.12
C MET A 154 -3.76 1.29 10.57
N VAL A 155 -4.89 1.97 10.81
CA VAL A 155 -5.61 1.89 12.12
C VAL A 155 -6.01 0.45 12.35
N TYR A 156 -6.59 -0.20 11.36
CA TYR A 156 -7.05 -1.59 11.55
C TYR A 156 -5.83 -2.45 11.82
N LEU A 157 -4.75 -2.35 11.03
CA LEU A 157 -3.58 -3.22 11.32
C LEU A 157 -3.03 -2.97 12.73
N ALA A 158 -2.88 -1.73 13.12
CA ALA A 158 -2.41 -1.38 14.49
C ALA A 158 -3.32 -1.97 15.57
N GLY A 159 -4.64 -1.90 15.42
CA GLY A 159 -5.60 -2.53 16.35
C GLY A 159 -5.39 -4.02 16.45
N LEU A 160 -4.89 -4.71 15.40
CA LEU A 160 -4.63 -6.17 15.45
C LEU A 160 -3.17 -6.44 15.82
N HIS A 161 -2.39 -5.39 16.13
CA HIS A 161 -0.95 -5.48 16.52
C HIS A 161 -0.11 -6.04 15.35
N PHE A 162 -0.57 -5.86 14.11
CA PHE A 162 0.24 -6.23 12.93
C PHE A 162 1.19 -5.07 12.64
N VAL A 163 2.38 -5.37 12.19
CA VAL A 163 3.33 -4.35 11.65
C VAL A 163 3.48 -4.69 10.16
N HIS A 164 3.53 -3.71 9.26
CA HIS A 164 3.62 -3.97 7.81
C HIS A 164 5.11 -4.06 7.41
N ARG A 165 5.89 -3.00 7.66
CA ARG A 165 7.35 -2.88 7.40
C ARG A 165 7.67 -2.54 5.94
N ASP A 166 6.67 -2.49 5.04
CA ASP A 166 6.95 -1.96 3.68
C ASP A 166 5.74 -1.14 3.20
N LEU A 167 5.27 -0.26 4.05
CA LEU A 167 4.13 0.59 3.69
C LEU A 167 4.67 1.69 2.73
N ALA A 168 4.05 1.80 1.59
CA ALA A 168 4.42 2.74 0.53
C ALA A 168 3.21 2.76 -0.45
N THR A 169 3.11 3.75 -1.29
CA THR A 169 1.96 3.79 -2.22
C THR A 169 1.98 2.58 -3.16
N ARG A 170 3.16 2.10 -3.58
CA ARG A 170 3.32 0.90 -4.45
C ARG A 170 2.64 -0.30 -3.79
N ASN A 171 2.50 -0.29 -2.46
CA ASN A 171 1.87 -1.41 -1.72
C ASN A 171 0.42 -1.14 -1.31
N CYS A 172 -0.23 -0.22 -1.98
CA CYS A 172 -1.68 0.06 -1.87
C CYS A 172 -2.30 -0.08 -3.26
N LEU A 173 -3.58 -0.47 -3.34
CA LEU A 173 -4.33 -0.65 -4.59
C LEU A 173 -5.50 0.31 -4.59
N VAL A 174 -5.89 0.64 -5.79
CA VAL A 174 -6.96 1.60 -6.03
C VAL A 174 -8.01 0.90 -6.92
N GLY A 175 -9.26 0.93 -6.47
CA GLY A 175 -10.38 0.27 -7.16
C GLY A 175 -11.41 1.29 -7.69
N GLN A 176 -12.52 0.75 -8.21
CA GLN A 176 -13.67 1.53 -8.74
C GLN A 176 -14.18 2.52 -7.70
N GLY A 177 -14.45 3.77 -8.09
CA GLY A 177 -14.89 4.84 -7.19
C GLY A 177 -13.74 5.32 -6.32
N LEU A 178 -12.51 5.02 -6.71
CA LEU A 178 -11.30 5.45 -5.97
C LEU A 178 -11.36 4.94 -4.55
N VAL A 179 -11.73 3.70 -4.37
CA VAL A 179 -11.53 3.00 -3.09
C VAL A 179 -10.03 2.64 -3.01
N VAL A 180 -9.36 3.00 -1.93
CA VAL A 180 -7.91 2.69 -1.80
C VAL A 180 -7.77 1.66 -0.68
N LYS A 181 -6.96 0.63 -0.88
CA LYS A 181 -6.82 -0.43 0.15
C LYS A 181 -5.34 -0.81 0.29
N ILE A 182 -4.90 -1.16 1.50
CA ILE A 182 -3.53 -1.69 1.64
C ILE A 182 -3.47 -3.11 1.09
N GLY A 183 -2.49 -3.39 0.26
CA GLY A 183 -2.32 -4.75 -0.27
C GLY A 183 -1.33 -4.78 -1.40
N ASP A 184 -0.70 -5.94 -1.59
CA ASP A 184 0.18 -6.18 -2.78
C ASP A 184 0.29 -7.69 -2.97
N PHE A 185 0.89 -8.08 -4.08
CA PHE A 185 1.00 -9.50 -4.50
C PHE A 185 2.44 -9.98 -4.34
N GLY A 186 3.21 -9.33 -3.47
CA GLY A 186 4.60 -9.70 -3.13
C GLY A 186 5.61 -9.48 -4.27
N MET A 187 5.41 -8.54 -5.18
CA MET A 187 6.27 -8.37 -6.37
C MET A 187 6.79 -6.92 -6.39
N SER A 188 6.67 -6.14 -5.30
CA SER A 188 7.08 -4.71 -5.40
C SER A 188 8.60 -4.61 -5.63
N ARG A 189 9.40 -5.53 -5.11
CA ARG A 189 10.89 -5.51 -5.32
C ARG A 189 11.23 -5.81 -6.80
N ASP A 190 10.40 -6.59 -7.49
CA ASP A 190 10.55 -6.90 -8.93
C ASP A 190 10.11 -5.69 -9.76
N ILE A 191 8.96 -5.08 -9.44
CA ILE A 191 8.33 -4.02 -10.31
C ILE A 191 8.97 -2.67 -10.03
N TYR A 192 9.32 -2.40 -8.76
CA TYR A 192 9.86 -1.09 -8.30
C TYR A 192 11.21 -1.29 -7.58
N SER A 193 12.16 -1.90 -8.25
CA SER A 193 13.47 -2.25 -7.65
C SER A 193 14.15 -1.00 -7.15
N THR A 194 13.94 0.14 -7.80
CA THR A 194 14.65 1.40 -7.46
C THR A 194 14.19 1.90 -6.09
N ASP A 195 13.10 1.33 -5.54
CA ASP A 195 12.53 1.79 -4.26
C ASP A 195 13.18 0.99 -3.13
N TYR A 196 14.11 0.10 -3.45
CA TYR A 196 14.80 -0.67 -2.41
C TYR A 196 16.32 -0.44 -2.54
N TYR A 197 17.00 -0.75 -1.46
CA TYR A 197 18.47 -0.75 -1.39
C TYR A 197 18.88 -2.21 -1.27
N ARG A 198 19.66 -2.71 -2.22
CA ARG A 198 20.19 -4.08 -2.19
C ARG A 198 21.35 -4.15 -1.20
N VAL A 199 21.23 -4.96 -0.16
CA VAL A 199 22.36 -5.21 0.78
C VAL A 199 22.85 -6.66 0.66
N GLY A 200 23.28 -7.05 -0.54
CA GLY A 200 24.07 -8.29 -0.72
C GLY A 200 23.19 -9.51 -0.54
N GLY A 201 23.54 -10.60 -1.20
CA GLY A 201 22.60 -11.70 -1.42
C GLY A 201 21.36 -11.14 -2.08
N ARG A 202 20.19 -11.46 -1.53
CA ARG A 202 18.87 -11.10 -2.13
C ARG A 202 18.20 -9.97 -1.32
N THR A 203 18.74 -9.51 -0.17
CA THR A 203 18.03 -8.57 0.73
C THR A 203 17.89 -7.19 0.07
N MET A 204 16.70 -6.61 0.18
CA MET A 204 16.30 -5.37 -0.47
C MET A 204 15.42 -4.62 0.52
N LEU A 205 15.93 -3.52 1.04
CA LEU A 205 15.36 -2.70 2.14
C LEU A 205 14.77 -1.45 1.54
N PRO A 206 13.51 -1.13 1.90
CA PRO A 206 12.86 0.11 1.42
C PRO A 206 13.33 1.29 2.27
N ILE A 207 14.61 1.63 2.20
CA ILE A 207 15.24 2.60 3.17
C ILE A 207 14.54 3.98 3.15
N ARG A 208 14.07 4.43 2.01
CA ARG A 208 13.54 5.80 1.85
C ARG A 208 12.28 5.95 2.68
N TRP A 209 11.62 4.84 3.02
CA TRP A 209 10.37 4.83 3.82
C TRP A 209 10.63 4.52 5.29
N MET A 210 11.87 4.23 5.65
CA MET A 210 12.19 3.67 7.00
C MET A 210 12.67 4.77 7.95
N PRO A 211 12.29 4.71 9.24
CA PRO A 211 12.80 5.69 10.19
C PRO A 211 14.22 5.34 10.62
N PRO A 212 14.90 6.23 11.38
CA PRO A 212 16.26 5.95 11.88
C PRO A 212 16.41 4.67 12.70
N GLU A 213 15.47 4.38 13.58
CA GLU A 213 15.56 3.19 14.47
C GLU A 213 15.53 1.91 13.65
N SER A 214 14.89 1.96 12.47
CA SER A 214 14.81 0.81 11.56
C SER A 214 16.14 0.69 10.79
N ILE A 215 16.64 1.78 10.23
CA ILE A 215 17.93 1.80 9.48
C ILE A 215 19.08 1.51 10.47
N LEU A 216 19.10 2.12 11.65
CA LEU A 216 20.30 2.06 12.56
C LEU A 216 20.24 0.79 13.40
N TYR A 217 19.09 0.48 14.00
CA TYR A 217 18.94 -0.54 15.06
C TYR A 217 18.17 -1.76 14.57
N ARG A 218 17.59 -1.74 13.36
CA ARG A 218 16.74 -2.84 12.82
C ARG A 218 15.56 -3.09 13.74
N LYS A 219 15.03 -2.05 14.35
CA LYS A 219 13.74 -2.12 15.06
C LYS A 219 12.61 -1.68 14.13
N PHE A 220 11.51 -2.42 14.21
CA PHE A 220 10.23 -2.29 13.45
C PHE A 220 9.07 -2.44 14.41
N THR A 221 8.20 -1.43 14.48
CA THR A 221 7.06 -1.34 15.41
C THR A 221 5.92 -0.64 14.69
N THR A 222 4.75 -0.64 15.30
CA THR A 222 3.64 0.27 15.02
C THR A 222 4.23 1.64 14.71
N GLU A 223 5.23 2.09 15.47
CA GLU A 223 5.72 3.49 15.39
C GLU A 223 6.58 3.67 14.14
N SER A 224 7.27 2.65 13.67
CA SER A 224 8.01 2.73 12.40
C SER A 224 7.03 2.68 11.23
N ASP A 225 5.89 2.03 11.38
CA ASP A 225 4.80 2.07 10.33
C ASP A 225 4.24 3.50 10.22
N VAL A 226 4.12 4.21 11.34
CA VAL A 226 3.53 5.57 11.36
C VAL A 226 4.50 6.49 10.63
N TRP A 227 5.80 6.26 10.82
CA TRP A 227 6.86 7.00 10.06
C TRP A 227 6.64 6.79 8.55
N SER A 228 6.57 5.53 8.16
CA SER A 228 6.31 5.09 6.77
C SER A 228 5.01 5.75 6.28
N PHE A 229 3.95 5.81 7.09
CA PHE A 229 2.68 6.47 6.70
C PHE A 229 2.93 7.96 6.40
N GLY A 230 3.79 8.59 7.20
CA GLY A 230 4.17 10.00 6.96
C GLY A 230 4.77 10.12 5.57
N VAL A 231 5.69 9.21 5.21
CA VAL A 231 6.30 9.13 3.84
C VAL A 231 5.25 8.87 2.75
N VAL A 232 4.27 8.03 3.01
CA VAL A 232 3.11 7.79 2.10
C VAL A 232 2.35 9.11 1.90
N LEU A 233 2.13 9.84 2.96
CA LEU A 233 1.43 11.15 2.87
C LEU A 233 2.22 12.09 1.96
N TRP A 234 3.57 12.09 2.09
CA TRP A 234 4.42 12.86 1.19
C TRP A 234 4.31 12.35 -0.26
N GLU A 235 4.32 11.04 -0.50
CA GLU A 235 4.17 10.49 -1.88
C GLU A 235 2.83 10.99 -2.47
N ILE A 236 1.75 10.94 -1.68
CA ILE A 236 0.38 11.33 -2.15
C ILE A 236 0.43 12.78 -2.60
N PHE A 237 0.94 13.66 -1.76
CA PHE A 237 0.96 15.12 -2.03
C PHE A 237 2.05 15.51 -3.03
N THR A 238 2.92 14.59 -3.45
CA THR A 238 3.87 14.83 -4.55
C THR A 238 3.39 14.11 -5.81
N TYR A 239 2.19 13.53 -5.79
CA TYR A 239 1.66 12.69 -6.85
C TYR A 239 2.64 11.57 -7.18
N GLY A 240 3.15 10.89 -6.14
CA GLY A 240 3.83 9.61 -6.38
C GLY A 240 5.32 9.71 -6.58
N LYS A 241 5.93 10.89 -6.44
CA LYS A 241 7.40 11.07 -6.54
C LYS A 241 8.11 10.18 -5.52
N GLN A 242 9.31 9.74 -5.84
CA GLN A 242 10.12 8.98 -4.89
C GLN A 242 10.61 9.92 -3.79
N PRO A 243 10.49 9.52 -2.52
CA PRO A 243 11.09 10.25 -1.42
C PRO A 243 12.62 10.30 -1.56
N TRP A 244 13.19 11.49 -1.41
CA TRP A 244 14.65 11.70 -1.55
C TRP A 244 15.09 11.36 -2.98
N TYR A 245 14.25 11.53 -4.03
CA TYR A 245 14.65 11.08 -5.40
C TYR A 245 16.00 11.71 -5.86
N GLN A 246 16.39 12.89 -5.38
CA GLN A 246 17.66 13.55 -5.75
C GLN A 246 18.83 12.80 -5.08
N LEU A 247 18.59 11.82 -4.22
CA LEU A 247 19.70 11.21 -3.45
C LEU A 247 19.91 9.76 -3.88
N SER A 248 21.17 9.29 -3.82
CA SER A 248 21.53 7.86 -3.90
C SER A 248 21.00 7.15 -2.63
N ASN A 249 21.02 5.84 -2.66
CA ASN A 249 20.60 5.02 -1.47
C ASN A 249 21.45 5.39 -0.25
N THR A 250 22.79 5.47 -0.35
CA THR A 250 23.68 5.79 0.83
C THR A 250 23.49 7.25 1.24
N GLU A 251 23.27 8.17 0.27
CA GLU A 251 22.94 9.58 0.60
C GLU A 251 21.62 9.60 1.37
N ALA A 252 20.65 8.76 1.03
CA ALA A 252 19.32 8.80 1.70
C ALA A 252 19.42 8.26 3.13
N ILE A 253 20.17 7.19 3.33
CA ILE A 253 20.54 6.66 4.66
C ILE A 253 21.20 7.76 5.49
N ASP A 254 22.15 8.49 4.93
CA ASP A 254 22.85 9.57 5.70
C ASP A 254 21.82 10.63 6.09
N CYS A 255 20.94 11.06 5.15
CA CYS A 255 19.93 12.13 5.44
C CYS A 255 18.98 11.68 6.53
N ILE A 256 18.45 10.47 6.45
CA ILE A 256 17.44 9.91 7.40
C ILE A 256 18.09 9.71 8.79
N THR A 257 19.25 9.09 8.86
CA THR A 257 19.93 8.91 10.18
C THR A 257 20.39 10.25 10.77
N GLN A 258 20.62 11.30 9.97
CA GLN A 258 21.05 12.61 10.52
C GLN A 258 19.85 13.47 10.90
N GLY A 259 18.61 13.07 10.62
CA GLY A 259 17.42 13.82 11.05
C GLY A 259 16.88 14.82 10.03
N ARG A 260 17.29 14.78 8.76
CA ARG A 260 16.71 15.64 7.71
C ARG A 260 15.25 15.21 7.49
N GLU A 261 14.36 16.15 7.23
CA GLU A 261 12.95 15.81 6.94
C GLU A 261 12.68 16.11 5.47
N LEU A 262 11.79 15.35 4.84
CA LEU A 262 11.28 15.73 3.52
C LEU A 262 10.62 17.12 3.62
N GLU A 263 10.83 17.94 2.59
CA GLU A 263 10.28 19.28 2.37
C GLU A 263 8.79 19.17 2.06
N ARG A 264 8.05 20.19 2.48
CA ARG A 264 6.61 20.35 2.16
C ARG A 264 6.42 20.30 0.66
N PRO A 265 5.65 19.31 0.15
CA PRO A 265 5.29 19.36 -1.26
C PRO A 265 4.52 20.65 -1.62
N ARG A 266 4.74 21.17 -2.81
CA ARG A 266 3.98 22.32 -3.39
C ARG A 266 2.47 22.17 -3.14
N ALA A 267 1.86 21.00 -3.40
CA ALA A 267 0.40 20.75 -3.25
C ALA A 267 -0.02 20.51 -1.79
N CYS A 268 0.88 20.52 -0.81
CA CYS A 268 0.56 20.18 0.59
C CYS A 268 0.30 21.45 1.41
N PRO A 269 -0.92 21.66 1.90
CA PRO A 269 -1.15 22.72 2.89
C PRO A 269 -0.29 22.53 4.16
N PRO A 270 0.16 23.62 4.81
CA PRO A 270 0.82 23.55 6.13
C PRO A 270 0.13 22.61 7.14
N GLU A 271 -1.20 22.62 7.23
CA GLU A 271 -1.95 21.75 8.17
C GLU A 271 -1.60 20.28 7.85
N VAL A 272 -1.49 19.93 6.57
CA VAL A 272 -1.19 18.51 6.21
C VAL A 272 0.30 18.24 6.48
N TYR A 273 1.19 19.17 6.20
CA TYR A 273 2.63 18.96 6.43
C TYR A 273 2.85 18.79 7.93
N ALA A 274 2.00 19.41 8.74
CA ALA A 274 2.11 19.28 10.21
C ALA A 274 1.79 17.82 10.56
N ILE A 275 0.84 17.21 9.84
CA ILE A 275 0.48 15.78 10.06
C ILE A 275 1.70 14.88 9.69
N MET A 276 2.38 15.15 8.56
CA MET A 276 3.61 14.41 8.14
C MET A 276 4.70 14.57 9.23
N ARG A 277 4.96 15.78 9.69
CA ARG A 277 5.94 16.05 10.77
C ARG A 277 5.61 15.29 12.07
N GLY A 278 4.34 15.14 12.44
CA GLY A 278 4.00 14.31 13.62
C GLY A 278 4.39 12.85 13.50
N CYS A 279 4.47 12.30 12.27
CA CYS A 279 4.84 10.89 11.95
C CYS A 279 6.37 10.73 12.01
N TRP A 280 7.08 11.85 11.83
CA TRP A 280 8.56 11.92 11.69
C TRP A 280 9.28 12.42 12.94
N GLN A 281 8.71 12.34 14.14
CA GLN A 281 9.48 12.66 15.36
C GLN A 281 10.58 11.61 15.45
N ARG A 282 11.79 12.02 15.76
CA ARG A 282 12.92 11.11 15.85
C ARG A 282 12.59 9.99 16.84
N GLU A 283 12.05 10.34 18.03
CA GLU A 283 11.76 9.35 19.11
C GLU A 283 10.44 8.64 18.82
N PRO A 284 10.46 7.32 18.57
CA PRO A 284 9.22 6.60 18.27
C PRO A 284 8.04 6.95 19.20
N GLN A 285 8.27 7.07 20.52
CA GLN A 285 7.15 7.19 21.51
C GLN A 285 6.53 8.58 21.39
N GLN A 286 7.23 9.49 20.72
CA GLN A 286 6.81 10.88 20.47
C GLN A 286 6.04 11.06 19.16
N ARG A 287 5.92 10.04 18.31
CA ARG A 287 5.17 10.22 17.04
C ARG A 287 3.68 10.15 17.38
N HIS A 288 2.82 10.80 16.64
CA HIS A 288 1.35 10.71 16.87
C HIS A 288 0.86 9.29 16.56
N SER A 289 -0.19 8.82 17.23
CA SER A 289 -0.80 7.51 16.92
C SER A 289 -1.42 7.57 15.52
N ILE A 290 -1.51 6.42 14.85
CA ILE A 290 -2.20 6.26 13.54
C ILE A 290 -3.71 6.65 13.73
N LYS A 291 -4.34 6.31 14.86
CA LYS A 291 -5.75 6.72 15.16
C LYS A 291 -5.83 8.24 15.02
N ASP A 292 -4.90 8.96 15.66
CA ASP A 292 -4.94 10.45 15.60
C ASP A 292 -4.65 10.97 14.19
N VAL A 293 -3.63 10.41 13.53
CA VAL A 293 -3.32 10.86 12.13
C VAL A 293 -4.58 10.62 11.29
N HIS A 294 -5.21 9.48 11.43
CA HIS A 294 -6.42 9.18 10.64
C HIS A 294 -7.57 10.16 10.98
N ALA A 295 -7.79 10.49 12.26
CA ALA A 295 -8.87 11.43 12.68
C ALA A 295 -8.65 12.78 12.01
N ARG A 296 -7.40 13.25 12.02
CA ARG A 296 -7.05 14.56 11.40
C ARG A 296 -7.20 14.54 9.87
N LEU A 297 -6.94 13.40 9.22
CA LEU A 297 -7.01 13.35 7.74
C LEU A 297 -8.48 13.23 7.34
N GLN A 298 -9.23 12.39 8.03
CA GLN A 298 -10.66 12.15 7.75
C GLN A 298 -11.41 13.49 7.85
N ALA A 299 -11.11 14.26 8.90
CA ALA A 299 -11.75 15.55 9.22
C ALA A 299 -11.51 16.48 8.05
N LEU A 300 -10.28 16.53 7.56
CA LEU A 300 -9.94 17.36 6.40
C LEU A 300 -10.60 16.80 5.16
N ALA A 301 -10.59 15.48 4.91
CA ALA A 301 -11.21 14.92 3.68
C ALA A 301 -12.70 15.30 3.65
N GLN A 302 -13.37 15.23 4.81
CA GLN A 302 -14.84 15.38 4.90
C GLN A 302 -15.20 16.86 5.08
N ALA A 303 -14.22 17.78 5.11
CA ALA A 303 -14.49 19.20 5.46
C ALA A 303 -15.17 19.83 4.27
N PRO A 304 -16.09 20.80 4.50
CA PRO A 304 -16.79 21.42 3.37
C PRO A 304 -15.80 22.19 2.50
N PRO A 305 -16.11 22.36 1.20
CA PRO A 305 -15.29 23.16 0.29
C PRO A 305 -14.93 24.56 0.80
N VAL A 306 -15.86 25.26 1.45
CA VAL A 306 -15.53 26.63 1.96
C VAL A 306 -14.29 26.51 2.88
N TYR A 307 -14.17 25.45 3.65
CA TYR A 307 -13.06 25.23 4.62
C TYR A 307 -11.79 24.80 3.87
N LEU A 308 -11.90 23.82 2.98
CA LEU A 308 -10.73 23.31 2.19
C LEU A 308 -10.14 24.40 1.30
N ASP A 309 -10.95 25.33 0.79
CA ASP A 309 -10.50 26.36 -0.16
C ASP A 309 -9.58 27.33 0.54
N VAL A 310 -9.64 27.47 1.88
CA VAL A 310 -8.71 28.43 2.51
C VAL A 310 -7.62 27.70 3.25
N LEU A 311 -7.33 26.40 3.03
CA LEU A 311 -6.43 25.61 3.93
C LEU A 311 -4.95 26.00 3.74
#